data_1GID
#
_entry.id   1GID
#
_cell.length_a   74.800
_cell.length_b   128.700
_cell.length_c   145.900
_cell.angle_alpha   90.00
_cell.angle_beta   90.00
_cell.angle_gamma   90.00
#
_symmetry.space_group_name_H-M   'P 21 21 21'
#
loop_
_entity.id
_entity.type
_entity.pdbx_description
1 polymer 'P4-P6 RNA RIBOZYME DOMAIN'
2 non-polymer 'MAGNESIUM ION'
3 non-polymer 'COBALT HEXAMMINE(III)'
4 water water
#
_entity_poly.entity_id   1
_entity_poly.type   'polyribonucleotide'
_entity_poly.pdbx_seq_one_letter_code
;GAAUUGCGGGAAAGGGGUCAACAGCCGUUCAGUACCAAGUCUCAGGGGAAACUUUGAGAUGGCCUUGCAAAGGGUAUGGU
AAUAAGCUGACGGACAUGGUCCUAACCACGCAGCCAAGUCCUAAGUCAACAGAUCUUCUGUUGAUAUGGAUGCAGUUC
;
_entity_poly.pdbx_strand_id   A,B
#